data_3UK4
#
_entry.id   3UK4
#
_cell.length_a   62.925
_cell.length_b   50.215
_cell.length_c   65.633
_cell.angle_alpha   90.00
_cell.angle_beta   106.88
_cell.angle_gamma   90.00
#
_symmetry.space_group_name_H-M   'P 1 21 1'
#
loop_
_entity.id
_entity.type
_entity.pdbx_description
1 polymer Lactotransferrin
2 polymer 'C-terminal peptide from Lactotransferrin'
3 branched 2-acetamido-2-deoxy-beta-D-glucopyranose-(1-4)-2-acetamido-2-deoxy-beta-D-glucopyranose
4 non-polymer 'ZINC ION'
5 non-polymer 'FE (III) ION'
6 non-polymer 'CARBONATE ION'
7 non-polymer 'SULFATE ION'
8 non-polymer 2-acetamido-2-deoxy-beta-D-glucopyranose
9 non-polymer (2S)-pentane-1,2,5-triol
10 water water
#
loop_
_entity_poly.entity_id
_entity_poly.type
_entity_poly.pdbx_seq_one_letter_code
_entity_poly.pdbx_strand_id
1 'polypeptide(L)'
;YTRVVWCAVGPEEQKKCQQWSQQSGQNVTCATASTTDDCIVLVLKGEADALNLDGGYIYTAGKCGLVPVLAENRKSSKHS
SLDCVLRPTEGYLAVAVVKKANEGLTWNSLKDKKSCHTAVDRTAGWNIPMGLIVNQTGSCAFDEFFSQSCAPGADPKSRL
CALCAGDDQGLDKCVPNSKEKYYGYTGAFRCLAEDVGDVAFVKNDTVWENTNGESTADWAKNLKREDFRLLCLDGTRKPV
TEAQSCHLAVAPNHAVVSRSDRAAHVEQVLLHQQALFGKNGKNCPDKFCLFKSETKNLLFNDNTECLAKLGGRPTYEEYL
GTEYVTAIANLKKCS
;
A
2 'polypeptide(L)' LEACAF B
#
# COMPACT_ATOMS: atom_id res chain seq x y z
N TYR A 1 29.38 -8.57 -7.07
CA TYR A 1 29.28 -7.20 -6.46
C TYR A 1 27.82 -6.78 -6.41
N THR A 2 26.99 -7.58 -7.08
CA THR A 2 25.55 -7.44 -6.88
C THR A 2 25.01 -8.36 -5.74
N ARG A 3 25.51 -8.09 -4.52
CA ARG A 3 24.78 -8.48 -3.28
C ARG A 3 23.82 -7.33 -3.00
N VAL A 4 22.50 -7.59 -2.99
CA VAL A 4 21.53 -6.52 -2.77
C VAL A 4 20.98 -6.58 -1.32
N VAL A 5 20.98 -5.44 -0.66
CA VAL A 5 20.50 -5.30 0.69
C VAL A 5 19.04 -4.79 0.61
N TRP A 6 18.11 -5.62 0.96
CA TRP A 6 16.67 -5.24 1.01
C TRP A 6 16.34 -4.57 2.34
N CYS A 7 15.41 -3.62 2.36
CA CYS A 7 14.99 -3.07 3.63
C CYS A 7 13.61 -3.59 3.99
N ALA A 8 13.49 -4.22 5.15
CA ALA A 8 12.21 -4.75 5.64
C ALA A 8 11.65 -3.83 6.73
N VAL A 9 10.35 -3.59 6.67
CA VAL A 9 9.67 -2.74 7.54
C VAL A 9 8.96 -3.56 8.65
N GLY A 10 9.53 -3.57 9.87
CA GLY A 10 8.99 -4.25 11.01
C GLY A 10 9.41 -5.70 11.00
N PRO A 11 9.20 -6.40 12.14
CA PRO A 11 9.64 -7.78 12.38
C PRO A 11 9.08 -8.92 11.49
N GLU A 12 7.87 -8.77 10.93
CA GLU A 12 7.34 -9.80 10.14
C GLU A 12 7.94 -9.74 8.76
N GLU A 13 8.18 -8.52 8.23
CA GLU A 13 8.84 -8.42 6.91
C GLU A 13 10.30 -8.96 7.07
N GLN A 14 10.87 -8.71 8.23
CA GLN A 14 12.31 -9.06 8.46
C GLN A 14 12.41 -10.58 8.37
N LYS A 15 11.49 -11.30 9.01
CA LYS A 15 11.53 -12.77 8.99
C LYS A 15 11.38 -13.30 7.58
N LYS A 16 10.44 -12.71 6.81
CA LYS A 16 10.31 -13.15 5.39
C LYS A 16 11.59 -12.84 4.59
N CYS A 17 12.13 -11.65 4.76
CA CYS A 17 13.39 -11.28 4.09
C CYS A 17 14.53 -12.26 4.43
N GLN A 18 14.64 -12.65 5.70
CA GLN A 18 15.67 -13.63 6.12
C GLN A 18 15.52 -14.98 5.40
N GLN A 19 14.29 -15.39 5.12
CA GLN A 19 14.04 -16.63 4.40
C GLN A 19 14.44 -16.48 2.92
N TRP A 20 14.16 -15.32 2.37
CA TRP A 20 14.57 -14.96 0.98
C TRP A 20 16.12 -14.95 0.91
N SER A 21 16.74 -14.33 1.88
CA SER A 21 18.21 -14.25 1.93
C SER A 21 18.86 -15.64 1.88
N GLN A 22 18.47 -16.49 2.82
CA GLN A 22 18.88 -17.92 2.84
C GLN A 22 18.72 -18.66 1.53
N GLN A 23 17.51 -18.55 0.93
CA GLN A 23 17.25 -19.21 -0.35
C GLN A 23 17.99 -18.67 -1.55
N SER A 24 18.34 -17.38 -1.50
CA SER A 24 19.07 -16.72 -2.58
C SER A 24 20.58 -16.94 -2.51
N GLY A 25 21.05 -17.61 -1.48
CA GLY A 25 22.51 -17.82 -1.32
C GLY A 25 23.23 -16.54 -0.96
N GLN A 26 22.53 -15.66 -0.23
CA GLN A 26 23.03 -14.34 0.23
C GLN A 26 23.21 -13.36 -0.92
N ASN A 27 22.65 -13.63 -2.05
CA ASN A 27 22.58 -12.66 -3.12
C ASN A 27 21.71 -11.47 -2.70
N VAL A 28 20.75 -11.71 -1.83
CA VAL A 28 19.99 -10.68 -1.20
C VAL A 28 20.22 -10.85 0.31
N THR A 29 20.38 -9.73 1.03
CA THR A 29 20.51 -9.76 2.46
C THR A 29 19.57 -8.71 3.02
N CYS A 30 19.46 -8.60 4.33
CA CYS A 30 18.41 -7.76 4.93
C CYS A 30 18.89 -6.71 5.95
N ALA A 31 18.22 -5.56 5.90
CA ALA A 31 18.33 -4.51 6.85
C ALA A 31 16.86 -4.35 7.25
N THR A 32 16.59 -3.94 8.51
CA THR A 32 15.22 -3.76 8.91
C THR A 32 15.08 -2.41 9.64
N ALA A 33 13.91 -1.81 9.54
CA ALA A 33 13.57 -0.54 10.23
C ALA A 33 12.10 -0.63 10.70
N SER A 34 11.67 0.29 11.57
CA SER A 34 10.35 0.22 12.15
C SER A 34 9.29 0.89 11.24
N THR A 35 9.71 1.76 10.36
CA THR A 35 8.72 2.45 9.52
C THR A 35 9.26 2.59 8.12
N THR A 36 8.34 2.78 7.17
CA THR A 36 8.79 2.96 5.81
C THR A 36 9.69 4.17 5.67
N ASP A 37 9.33 5.31 6.30
CA ASP A 37 10.12 6.48 6.26
C ASP A 37 11.59 6.15 6.76
N ASP A 38 11.72 5.40 7.86
CA ASP A 38 13.06 4.96 8.35
C ASP A 38 13.78 4.07 7.32
N CYS A 39 13.04 3.23 6.59
CA CYS A 39 13.74 2.38 5.59
C CYS A 39 14.27 3.26 4.43
N ILE A 40 13.53 4.30 4.10
CA ILE A 40 13.92 5.25 3.10
C ILE A 40 15.25 5.92 3.49
N VAL A 41 15.38 6.28 4.75
CA VAL A 41 16.61 6.91 5.28
C VAL A 41 17.79 5.96 5.22
N LEU A 42 17.57 4.66 5.52
CA LEU A 42 18.68 3.71 5.43
C LEU A 42 19.13 3.68 3.99
N VAL A 43 18.17 3.76 3.07
CA VAL A 43 18.55 3.75 1.64
C VAL A 43 19.35 4.96 1.24
N LEU A 44 18.85 6.17 1.64
CA LEU A 44 19.57 7.39 1.40
C LEU A 44 21.01 7.37 1.99
N LYS A 45 21.20 6.70 3.14
CA LYS A 45 22.55 6.60 3.75
C LYS A 45 23.43 5.52 3.11
N GLY A 46 22.83 4.68 2.25
CA GLY A 46 23.55 3.61 1.55
C GLY A 46 23.71 2.37 2.45
N GLU A 47 22.89 2.26 3.52
CA GLU A 47 22.93 1.13 4.41
C GLU A 47 21.92 0.06 4.02
N ALA A 48 21.06 0.38 3.04
CA ALA A 48 20.18 -0.50 2.37
C ALA A 48 20.16 -0.10 0.83
N ASP A 49 19.89 -1.06 -0.04
CA ASP A 49 19.78 -0.76 -1.51
C ASP A 49 18.36 -0.43 -1.99
N ALA A 50 17.35 -1.05 -1.40
CA ALA A 50 15.99 -0.92 -1.99
C ALA A 50 14.89 -1.50 -1.20
N LEU A 51 13.65 -1.16 -1.64
CA LEU A 51 12.43 -1.73 -1.08
C LEU A 51 11.26 -1.33 -1.98
N ASN A 52 10.15 -2.01 -1.80
CA ASN A 52 8.91 -1.76 -2.62
C ASN A 52 8.00 -0.79 -1.86
N LEU A 53 7.54 0.28 -2.51
CA LEU A 53 6.79 1.34 -1.88
C LEU A 53 5.41 1.66 -2.54
N ASP A 54 4.47 2.04 -1.68
CA ASP A 54 3.20 2.57 -2.14
C ASP A 54 3.51 3.90 -2.81
N GLY A 55 2.57 4.41 -3.64
CA GLY A 55 2.79 5.66 -4.40
C GLY A 55 3.00 6.90 -3.54
N GLY A 56 2.31 7.00 -2.40
CA GLY A 56 2.49 8.19 -1.49
C GLY A 56 3.94 8.16 -0.95
N TYR A 57 4.46 6.96 -0.73
CA TYR A 57 5.86 6.86 -0.16
C TYR A 57 6.89 7.09 -1.31
N ILE A 58 6.52 6.78 -2.56
CA ILE A 58 7.39 7.09 -3.68
C ILE A 58 7.59 8.58 -3.83
N TYR A 59 6.56 9.35 -3.54
CA TYR A 59 6.66 10.82 -3.53
C TYR A 59 7.74 11.23 -2.49
N THR A 60 7.63 10.73 -1.26
CA THR A 60 8.65 11.06 -0.25
C THR A 60 10.05 10.64 -0.70
N ALA A 61 10.18 9.40 -1.16
CA ALA A 61 11.51 8.87 -1.53
C ALA A 61 12.04 9.66 -2.74
N GLY A 62 11.13 10.03 -3.64
CA GLY A 62 11.58 10.74 -4.88
C GLY A 62 11.95 12.18 -4.68
N LYS A 63 11.36 12.86 -3.69
CA LYS A 63 11.77 14.22 -3.41
C LYS A 63 13.17 14.18 -2.79
N CYS A 64 13.55 13.01 -2.29
CA CYS A 64 14.92 12.86 -1.67
C CYS A 64 15.91 12.30 -2.68
N GLY A 65 15.48 12.14 -3.95
CA GLY A 65 16.34 11.63 -5.01
C GLY A 65 16.42 10.11 -5.31
N LEU A 66 15.60 9.28 -4.65
CA LEU A 66 15.52 7.91 -5.03
C LEU A 66 14.65 7.81 -6.33
N VAL A 67 14.86 6.73 -7.08
CA VAL A 67 14.21 6.56 -8.38
C VAL A 67 13.48 5.21 -8.49
N PRO A 68 12.36 5.19 -9.24
CA PRO A 68 11.73 3.89 -9.42
C PRO A 68 12.51 2.95 -10.26
N VAL A 69 12.39 1.63 -9.97
CA VAL A 69 13.22 0.60 -10.68
C VAL A 69 12.41 -0.41 -11.45
N LEU A 70 11.45 -1.07 -10.78
CA LEU A 70 10.52 -1.97 -11.46
C LEU A 70 9.16 -1.77 -10.72
N ALA A 71 8.07 -2.05 -11.41
CA ALA A 71 6.70 -1.92 -10.77
C ALA A 71 6.02 -3.26 -10.51
N GLU A 72 5.23 -3.39 -9.43
CA GLU A 72 4.34 -4.55 -9.30
C GLU A 72 3.39 -4.59 -10.48
N ASN A 73 3.22 -5.76 -11.06
CA ASN A 73 2.20 -5.94 -12.07
C ASN A 73 1.29 -7.10 -11.68
N ARG A 74 0.00 -6.82 -11.55
CA ARG A 74 -0.98 -7.90 -11.28
C ARG A 74 -1.72 -8.39 -12.56
N LYS A 75 -2.60 -9.39 -12.39
CA LYS A 75 -3.53 -9.90 -13.45
C LYS A 75 -4.10 -8.84 -14.41
N SER A 76 -3.90 -9.07 -15.70
CA SER A 76 -4.24 -8.07 -16.75
C SER A 76 -5.66 -8.24 -17.36
N SER A 77 -5.72 -8.03 -18.69
CA SER A 77 -6.91 -8.23 -19.58
C SER A 77 -6.57 -7.84 -21.04
N LYS A 78 -6.49 -6.54 -21.28
CA LYS A 78 -5.99 -6.03 -22.56
C LYS A 78 -4.47 -6.19 -22.54
N HIS A 79 -3.87 -6.28 -23.72
CA HIS A 79 -2.43 -6.52 -23.81
C HIS A 79 -2.03 -7.89 -23.32
N SER A 80 -2.87 -8.90 -23.54
CA SER A 80 -2.66 -10.20 -22.90
C SER A 80 -1.53 -11.05 -23.49
N SER A 81 -1.06 -10.67 -24.65
CA SER A 81 -0.03 -11.48 -25.35
C SER A 81 1.39 -11.29 -24.77
N LEU A 82 1.66 -10.09 -24.25
CA LEU A 82 2.98 -9.76 -23.71
C LEU A 82 3.35 -10.53 -22.44
N ASP A 83 4.64 -10.76 -22.25
CA ASP A 83 5.17 -11.30 -20.97
C ASP A 83 4.74 -10.32 -19.84
N CYS A 84 4.52 -10.84 -18.63
CA CYS A 84 4.25 -9.95 -17.48
C CYS A 84 5.31 -8.88 -17.35
N VAL A 85 6.58 -9.27 -17.36
CA VAL A 85 7.69 -8.35 -17.13
C VAL A 85 7.70 -7.17 -18.13
N LEU A 86 7.05 -7.32 -19.29
CA LEU A 86 7.04 -6.31 -20.34
C LEU A 86 5.67 -5.68 -20.53
N ARG A 87 4.71 -6.10 -19.74
CA ARG A 87 3.40 -5.48 -19.78
C ARG A 87 3.31 -4.08 -19.09
N PRO A 88 2.74 -3.09 -19.78
CA PRO A 88 2.40 -1.79 -19.09
C PRO A 88 1.50 -2.03 -17.86
N THR A 89 1.82 -1.41 -16.73
CA THR A 89 0.97 -1.51 -15.54
C THR A 89 -0.28 -0.61 -15.74
N GLU A 90 -1.37 -0.89 -15.00
CA GLU A 90 -2.63 -0.15 -15.22
C GLU A 90 -3.23 0.52 -13.97
N GLY A 91 -2.53 0.50 -12.85
CA GLY A 91 -2.97 1.25 -11.67
C GLY A 91 -4.08 0.47 -10.97
N TYR A 92 -4.34 0.78 -9.70
CA TYR A 92 -5.39 0.18 -8.97
C TYR A 92 -6.45 1.20 -8.58
N LEU A 93 -7.66 0.73 -8.26
CA LEU A 93 -8.76 1.60 -7.91
C LEU A 93 -8.87 1.93 -6.41
N ALA A 94 -8.75 3.22 -6.06
CA ALA A 94 -8.93 3.63 -4.71
C ALA A 94 -10.43 3.70 -4.44
N VAL A 95 -10.87 3.08 -3.30
CA VAL A 95 -12.30 3.08 -2.99
C VAL A 95 -12.58 3.39 -1.51
N ALA A 96 -13.83 3.75 -1.19
CA ALA A 96 -14.24 3.96 0.17
C ALA A 96 -15.33 2.93 0.41
N VAL A 97 -15.18 2.12 1.44
CA VAL A 97 -16.04 0.99 1.66
C VAL A 97 -16.76 1.08 3.02
N VAL A 98 -18.06 0.74 3.01
CA VAL A 98 -18.85 0.72 4.23
C VAL A 98 -19.65 -0.59 4.31
N LYS A 99 -20.32 -0.84 5.47
CA LYS A 99 -21.19 -1.99 5.58
C LYS A 99 -22.51 -1.64 4.91
N LYS A 100 -23.06 -2.58 4.17
CA LYS A 100 -24.43 -2.35 3.56
C LYS A 100 -25.49 -2.04 4.63
N ALA A 101 -25.39 -2.72 5.76
CA ALA A 101 -26.36 -2.48 6.88
C ALA A 101 -26.25 -1.07 7.53
N ASN A 102 -25.18 -0.33 7.22
CA ASN A 102 -25.01 1.03 7.71
C ASN A 102 -25.75 1.96 6.73
N GLU A 103 -27.06 1.74 6.60
CA GLU A 103 -27.88 2.43 5.62
C GLU A 103 -27.93 3.95 5.78
N GLY A 104 -27.98 4.65 4.64
CA GLY A 104 -27.95 6.19 4.75
C GLY A 104 -26.56 6.84 4.98
N LEU A 105 -25.50 6.04 5.08
CA LEU A 105 -24.14 6.63 5.06
C LEU A 105 -23.69 6.78 3.61
N THR A 106 -23.35 7.99 3.19
CA THR A 106 -22.79 8.17 1.83
C THR A 106 -21.56 9.03 1.97
N TRP A 107 -20.94 9.37 0.83
CA TRP A 107 -19.78 10.26 0.79
C TRP A 107 -20.13 11.57 1.44
N ASN A 108 -21.35 12.03 1.19
CA ASN A 108 -21.80 13.34 1.70
C ASN A 108 -22.21 13.34 3.21
N SER A 109 -22.20 12.19 3.86
CA SER A 109 -22.54 12.18 5.30
C SER A 109 -21.42 11.57 6.15
N LEU A 110 -20.19 11.62 5.65
CA LEU A 110 -19.00 11.08 6.38
C LEU A 110 -18.54 11.90 7.60
N LYS A 111 -18.98 13.15 7.71
CA LYS A 111 -18.55 14.00 8.82
C LYS A 111 -18.98 13.42 10.18
N ASP A 112 -18.02 13.38 11.13
CA ASP A 112 -18.26 12.85 12.49
C ASP A 112 -18.37 11.33 12.56
N LYS A 113 -18.12 10.63 11.47
CA LYS A 113 -18.11 9.15 11.50
C LYS A 113 -16.70 8.62 11.87
N LYS A 114 -16.56 7.30 11.97
CA LYS A 114 -15.26 6.66 12.33
C LYS A 114 -14.60 6.12 11.08
N SER A 115 -13.29 6.34 10.94
CA SER A 115 -12.61 5.93 9.71
C SER A 115 -11.41 4.96 9.87
N CYS A 116 -11.17 4.19 8.84
CA CYS A 116 -10.09 3.21 8.82
C CYS A 116 -9.15 3.51 7.58
N HIS A 117 -7.90 3.77 7.83
CA HIS A 117 -6.92 4.14 6.81
C HIS A 117 -5.69 3.22 6.83
N THR A 118 -5.13 2.88 5.64
CA THR A 118 -4.02 1.91 5.56
C THR A 118 -2.85 2.46 6.36
N ALA A 119 -2.55 3.74 6.18
CA ALA A 119 -1.52 4.52 6.91
C ALA A 119 -1.49 5.93 6.39
N VAL A 120 -1.06 6.87 7.23
CA VAL A 120 -0.87 8.27 6.83
C VAL A 120 0.14 8.27 5.65
N ASP A 121 -0.10 9.14 4.70
CA ASP A 121 0.81 9.24 3.47
C ASP A 121 0.69 8.16 2.41
N ARG A 122 -0.19 7.19 2.57
CA ARG A 122 -0.38 6.20 1.49
C ARG A 122 -1.49 6.67 0.50
N THR A 123 -1.41 6.18 -0.75
CA THR A 123 -2.32 6.63 -1.77
C THR A 123 -3.86 6.41 -1.55
N ALA A 124 -4.29 5.17 -1.49
CA ALA A 124 -5.75 4.91 -1.35
C ALA A 124 -6.14 5.15 0.10
N GLY A 125 -5.20 4.91 1.03
CA GLY A 125 -5.60 5.03 2.43
C GLY A 125 -5.69 6.45 2.93
N TRP A 126 -4.99 7.36 2.30
CA TRP A 126 -4.85 8.72 2.87
C TRP A 126 -4.80 9.87 1.89
N ASN A 127 -3.79 9.90 1.00
CA ASN A 127 -3.65 11.03 0.06
C ASN A 127 -4.96 11.31 -0.75
N ILE A 128 -5.51 10.28 -1.30
CA ILE A 128 -6.74 10.51 -2.16
C ILE A 128 -7.92 10.97 -1.34
N PRO A 129 -8.37 10.17 -0.37
CA PRO A 129 -9.59 10.63 0.40
C PRO A 129 -9.42 11.91 1.22
N MET A 130 -8.27 12.13 1.87
CA MET A 130 -8.13 13.37 2.66
C MET A 130 -7.92 14.61 1.76
N GLY A 131 -7.29 14.40 0.61
CA GLY A 131 -7.12 15.47 -0.37
C GLY A 131 -8.54 15.90 -0.85
N LEU A 132 -9.36 14.93 -1.17
CA LEU A 132 -10.77 15.24 -1.62
C LEU A 132 -11.56 15.96 -0.56
N ILE A 133 -11.50 15.46 0.69
CA ILE A 133 -12.16 16.07 1.81
C ILE A 133 -11.76 17.49 2.17
N VAL A 134 -10.47 17.77 2.20
CA VAL A 134 -9.96 19.11 2.51
C VAL A 134 -10.49 20.08 1.44
N ASN A 135 -10.40 19.66 0.18
CA ASN A 135 -10.90 20.40 -0.96
C ASN A 135 -12.36 20.65 -0.82
N GLN A 136 -13.12 19.61 -0.56
CA GLN A 136 -14.59 19.75 -0.48
C GLN A 136 -15.07 20.59 0.70
N THR A 137 -14.35 20.51 1.83
CA THR A 137 -14.75 21.28 3.01
C THR A 137 -14.19 22.74 3.06
N GLY A 138 -13.23 23.07 2.20
CA GLY A 138 -12.50 24.33 2.28
C GLY A 138 -11.72 24.50 3.57
N SER A 139 -11.15 23.40 4.07
CA SER A 139 -10.49 23.43 5.36
C SER A 139 -9.35 22.44 5.51
N CYS A 140 -8.23 22.93 6.04
CA CYS A 140 -7.08 22.10 6.31
C CYS A 140 -7.21 21.22 7.57
N ALA A 141 -8.30 21.38 8.29
CA ALA A 141 -8.49 20.72 9.55
C ALA A 141 -8.92 19.24 9.36
N PHE A 142 -8.15 18.51 8.55
CA PHE A 142 -8.48 17.12 8.26
C PHE A 142 -8.47 16.19 9.50
N ASP A 143 -7.87 16.63 10.61
CA ASP A 143 -7.85 15.79 11.83
C ASP A 143 -9.02 16.06 12.73
N GLU A 144 -9.92 16.90 12.30
CA GLU A 144 -11.18 17.09 13.03
C GLU A 144 -12.42 16.70 12.21
N PHE A 145 -12.22 16.08 11.07
CA PHE A 145 -13.35 15.67 10.23
C PHE A 145 -14.04 14.41 10.76
N PHE A 146 -13.25 13.34 10.99
CA PHE A 146 -13.84 12.12 11.47
C PHE A 146 -13.83 12.21 13.03
N SER A 147 -14.80 11.63 13.70
CA SER A 147 -14.81 11.62 15.15
C SER A 147 -13.64 10.85 15.78
N GLN A 148 -13.33 9.65 15.24
CA GLN A 148 -12.18 8.85 15.61
C GLN A 148 -11.71 8.10 14.34
N SER A 149 -10.43 7.72 14.30
CA SER A 149 -9.91 6.95 13.20
C SER A 149 -8.74 6.01 13.63
N CYS A 150 -8.36 5.12 12.72
CA CYS A 150 -7.07 4.43 12.85
C CYS A 150 -6.38 4.86 11.58
N ALA A 151 -5.33 5.64 11.71
CA ALA A 151 -4.50 6.05 10.55
C ALA A 151 -3.01 5.87 11.02
N PRO A 152 -2.50 4.66 10.93
CA PRO A 152 -1.12 4.42 11.40
C PRO A 152 -0.14 5.44 10.97
N GLY A 153 0.71 5.87 11.88
CA GLY A 153 1.76 6.88 11.58
C GLY A 153 1.37 8.26 12.14
N ALA A 154 0.14 8.37 12.66
CA ALA A 154 -0.31 9.68 13.23
C ALA A 154 0.11 9.73 14.73
N ASP A 155 -0.15 10.84 15.36
CA ASP A 155 0.09 10.94 16.86
C ASP A 155 -0.77 9.95 17.63
N PRO A 156 -0.12 8.97 18.30
CA PRO A 156 -0.82 7.90 19.09
C PRO A 156 -1.85 8.35 20.15
N LYS A 157 -1.79 9.60 20.58
CA LYS A 157 -2.78 10.09 21.52
C LYS A 157 -3.83 10.97 20.87
N SER A 158 -3.74 11.13 19.53
CA SER A 158 -4.75 11.90 18.83
C SER A 158 -5.95 11.05 18.47
N ARG A 159 -7.06 11.69 18.15
CA ARG A 159 -8.23 10.97 17.69
C ARG A 159 -7.91 10.19 16.37
N LEU A 160 -6.84 10.58 15.66
CA LEU A 160 -6.53 9.92 14.41
C LEU A 160 -5.99 8.53 14.67
N CYS A 161 -5.57 8.23 15.89
CA CYS A 161 -5.11 6.91 16.26
C CYS A 161 -6.04 6.18 17.24
N ALA A 162 -7.07 6.86 17.68
CA ALA A 162 -8.01 6.28 18.72
C ALA A 162 -8.55 4.89 18.44
N LEU A 163 -8.68 4.51 17.17
CA LEU A 163 -9.23 3.22 16.83
C LEU A 163 -8.21 2.12 16.63
N CYS A 164 -6.93 2.46 16.49
CA CYS A 164 -5.88 1.43 16.22
C CYS A 164 -5.74 0.56 17.42
N ALA A 165 -5.29 -0.68 17.21
CA ALA A 165 -5.20 -1.64 18.25
C ALA A 165 -3.81 -2.15 18.69
N GLY A 166 -2.74 -1.86 17.95
CA GLY A 166 -1.41 -2.32 18.43
C GLY A 166 -1.28 -3.83 18.15
N ASP A 167 -0.25 -4.47 18.67
CA ASP A 167 0.05 -5.87 18.43
C ASP A 167 -0.68 -6.79 19.49
N ASP A 168 -0.49 -8.08 19.45
CA ASP A 168 -1.38 -8.94 20.28
C ASP A 168 -1.13 -8.78 21.77
N GLN A 169 0.02 -8.25 22.13
CA GLN A 169 0.25 -7.77 23.48
C GLN A 169 -0.38 -6.46 23.77
N GLY A 170 -0.80 -5.75 22.77
CA GLY A 170 -1.34 -4.38 22.94
C GLY A 170 -0.28 -3.28 22.84
N LEU A 171 0.98 -3.65 22.53
CA LEU A 171 2.04 -2.68 22.33
C LEU A 171 2.04 -2.13 20.88
N ASP A 172 2.78 -1.04 20.64
CA ASP A 172 2.96 -0.44 19.29
C ASP A 172 1.65 0.07 18.67
N LYS A 173 0.68 0.44 19.52
CA LYS A 173 -0.55 1.07 18.97
C LYS A 173 -0.22 2.15 17.94
N CYS A 174 -0.84 2.05 16.77
CA CYS A 174 -0.73 3.08 15.74
C CYS A 174 0.65 3.21 15.08
N VAL A 175 1.46 2.15 15.12
CA VAL A 175 2.74 2.18 14.41
C VAL A 175 2.49 1.74 12.95
N PRO A 176 3.23 2.37 11.98
CA PRO A 176 2.97 2.03 10.59
C PRO A 176 3.74 0.84 10.03
N ASN A 177 3.50 -0.33 10.60
CA ASN A 177 4.08 -1.57 10.13
C ASN A 177 3.11 -2.65 10.48
N SER A 178 3.30 -3.87 9.94
CA SER A 178 2.35 -4.93 10.07
C SER A 178 2.03 -5.39 11.49
N LYS A 179 2.79 -4.94 12.51
CA LYS A 179 2.51 -5.41 13.87
C LYS A 179 1.22 -4.78 14.38
N GLU A 180 0.89 -3.60 13.85
CA GLU A 180 -0.39 -2.96 14.16
C GLU A 180 -1.52 -3.75 13.46
N LYS A 181 -2.45 -4.27 14.26
CA LYS A 181 -3.58 -5.05 13.75
C LYS A 181 -4.34 -4.45 12.56
N TYR A 182 -4.58 -3.12 12.59
CA TYR A 182 -5.24 -2.45 11.52
C TYR A 182 -4.36 -1.67 10.51
N TYR A 183 -3.14 -2.17 10.29
CA TYR A 183 -2.24 -1.49 9.36
C TYR A 183 -2.41 -2.05 7.95
N GLY A 184 -2.26 -1.18 6.95
CA GLY A 184 -2.22 -1.68 5.58
C GLY A 184 -3.63 -1.89 5.00
N TYR A 185 -3.65 -2.29 3.72
CA TYR A 185 -4.92 -2.61 3.06
C TYR A 185 -5.74 -3.59 3.96
N THR A 186 -5.09 -4.71 4.33
CA THR A 186 -5.82 -5.77 5.05
C THR A 186 -6.22 -5.35 6.46
N GLY A 187 -5.35 -4.60 7.16
CA GLY A 187 -5.70 -4.13 8.52
C GLY A 187 -6.88 -3.11 8.47
N ALA A 188 -6.84 -2.18 7.50
CA ALA A 188 -7.88 -1.18 7.41
C ALA A 188 -9.21 -1.84 7.02
N PHE A 189 -9.17 -2.83 6.13
CA PHE A 189 -10.42 -3.52 5.76
C PHE A 189 -10.95 -4.37 6.94
N ARG A 190 -10.03 -4.90 7.75
CA ARG A 190 -10.42 -5.63 9.02
C ARG A 190 -11.06 -4.73 10.03
N CYS A 191 -10.58 -3.49 10.10
CA CYS A 191 -11.07 -2.45 10.98
C CYS A 191 -12.58 -2.17 10.64
N LEU A 192 -12.88 -2.22 9.37
CA LEU A 192 -14.30 -2.07 8.92
C LEU A 192 -15.08 -3.36 9.20
N ALA A 193 -14.50 -4.50 8.88
CA ALA A 193 -15.16 -5.77 9.01
C ALA A 193 -15.64 -6.00 10.45
N GLU A 194 -14.81 -5.67 11.41
CA GLU A 194 -15.15 -5.93 12.82
C GLU A 194 -16.00 -4.78 13.34
N ASP A 195 -16.34 -3.83 12.46
CA ASP A 195 -17.10 -2.62 12.79
C ASP A 195 -16.48 -1.67 13.79
N VAL A 196 -15.13 -1.62 13.83
CA VAL A 196 -14.49 -0.63 14.63
C VAL A 196 -14.67 0.71 14.00
N GLY A 197 -14.61 0.72 12.66
CA GLY A 197 -14.80 1.94 11.90
C GLY A 197 -16.07 1.86 11.03
N ASP A 198 -16.62 3.03 10.66
CA ASP A 198 -17.75 3.12 9.72
C ASP A 198 -17.32 2.99 8.23
N VAL A 199 -16.11 3.44 7.91
CA VAL A 199 -15.65 3.46 6.52
C VAL A 199 -14.15 3.06 6.47
N ALA A 200 -13.75 2.38 5.40
CA ALA A 200 -12.34 2.00 5.23
C ALA A 200 -11.88 2.52 3.83
N PHE A 201 -10.71 3.15 3.78
CA PHE A 201 -10.14 3.66 2.51
C PHE A 201 -9.06 2.68 2.08
N VAL A 202 -9.37 1.87 1.07
CA VAL A 202 -8.52 0.84 0.56
C VAL A 202 -8.61 0.80 -0.94
N LYS A 203 -8.23 -0.31 -1.50
CA LYS A 203 -8.32 -0.48 -2.96
C LYS A 203 -9.25 -1.61 -3.27
N ASN A 204 -9.73 -1.62 -4.51
CA ASN A 204 -10.78 -2.55 -4.94
C ASN A 204 -10.42 -4.01 -4.70
N ASP A 205 -9.16 -4.35 -4.99
CA ASP A 205 -8.69 -5.72 -4.87
C ASP A 205 -8.83 -6.25 -3.40
N THR A 206 -8.59 -5.40 -2.47
CA THR A 206 -8.58 -5.81 -0.99
C THR A 206 -9.98 -6.37 -0.64
N VAL A 207 -11.03 -5.70 -1.05
CA VAL A 207 -12.37 -6.18 -0.76
C VAL A 207 -12.58 -7.63 -1.29
N TRP A 208 -12.26 -7.86 -2.58
CA TRP A 208 -12.39 -9.18 -3.21
C TRP A 208 -11.51 -10.27 -2.62
N GLU A 209 -10.23 -9.95 -2.31
CA GLU A 209 -9.34 -10.93 -1.79
C GLU A 209 -9.59 -11.36 -0.31
N ASN A 210 -10.45 -10.63 0.38
CA ASN A 210 -10.75 -10.98 1.80
C ASN A 210 -12.21 -11.27 2.05
N THR A 211 -12.89 -11.68 1.00
CA THR A 211 -14.32 -12.05 1.13
C THR A 211 -14.59 -13.35 0.39
N ASN A 212 -15.79 -13.92 0.62
CA ASN A 212 -16.27 -15.10 -0.08
C ASN A 212 -15.29 -16.28 -0.12
N GLY A 213 -14.63 -16.52 0.99
CA GLY A 213 -13.71 -17.66 1.10
C GLY A 213 -12.34 -17.43 0.50
N GLU A 214 -12.07 -16.19 0.02
CA GLU A 214 -10.76 -15.97 -0.65
C GLU A 214 -9.63 -15.83 0.38
N SER A 215 -10.03 -15.48 1.57
CA SER A 215 -9.12 -15.55 2.72
C SER A 215 -9.70 -16.56 3.75
N THR A 216 -8.84 -17.34 4.38
CA THR A 216 -9.31 -18.23 5.45
C THR A 216 -8.87 -17.75 6.83
N ALA A 217 -8.34 -16.52 6.90
CA ALA A 217 -7.91 -15.95 8.17
C ALA A 217 -9.13 -15.81 9.02
N ASP A 218 -8.98 -15.98 10.33
CA ASP A 218 -10.17 -16.01 11.22
C ASP A 218 -11.12 -14.81 11.12
N TRP A 219 -10.60 -13.57 11.04
CA TRP A 219 -11.47 -12.41 11.00
C TRP A 219 -12.18 -12.32 9.62
N ALA A 220 -11.60 -12.94 8.62
CA ALA A 220 -12.10 -12.82 7.23
C ALA A 220 -12.81 -14.06 6.63
N LYS A 221 -12.51 -15.27 7.16
CA LYS A 221 -13.02 -16.53 6.59
C LYS A 221 -14.53 -16.51 6.35
N ASN A 222 -15.25 -15.70 7.12
CA ASN A 222 -16.68 -15.70 7.06
C ASN A 222 -17.32 -14.41 6.55
N LEU A 223 -16.54 -13.55 5.87
CA LEU A 223 -17.13 -12.30 5.31
C LEU A 223 -17.70 -12.55 3.90
N LYS A 224 -18.80 -11.86 3.58
CA LYS A 224 -19.46 -12.02 2.28
C LYS A 224 -19.54 -10.65 1.59
N ARG A 225 -19.16 -10.60 0.31
CA ARG A 225 -19.10 -9.33 -0.44
C ARG A 225 -20.41 -8.56 -0.45
N GLU A 226 -21.51 -9.26 -0.44
CA GLU A 226 -22.80 -8.63 -0.48
C GLU A 226 -23.08 -7.79 0.76
N ASP A 227 -22.30 -8.00 1.81
CA ASP A 227 -22.47 -7.20 3.04
C ASP A 227 -21.78 -5.84 3.02
N PHE A 228 -21.17 -5.51 1.90
CA PHE A 228 -20.40 -4.29 1.72
C PHE A 228 -20.91 -3.46 0.54
N ARG A 229 -20.72 -2.15 0.64
CA ARG A 229 -21.00 -1.20 -0.40
C ARG A 229 -19.82 -0.23 -0.60
N LEU A 230 -19.67 0.27 -1.84
CA LEU A 230 -18.73 1.33 -2.14
C LEU A 230 -19.42 2.65 -2.04
N LEU A 231 -18.72 3.69 -1.62
CA LEU A 231 -19.26 5.07 -1.69
C LEU A 231 -18.75 5.81 -2.94
N CYS A 232 -19.66 6.32 -3.80
CA CYS A 232 -19.25 7.03 -5.00
C CYS A 232 -19.29 8.51 -4.74
N LEU A 233 -18.49 9.28 -5.51
CA LEU A 233 -18.37 10.69 -5.26
C LEU A 233 -19.66 11.49 -5.57
N ASP A 234 -20.56 10.91 -6.33
CA ASP A 234 -21.89 11.59 -6.53
C ASP A 234 -22.96 11.33 -5.46
N GLY A 235 -22.55 10.77 -4.33
CA GLY A 235 -23.53 10.59 -3.25
C GLY A 235 -24.22 9.24 -3.22
N THR A 236 -24.02 8.42 -4.25
CA THR A 236 -24.63 7.14 -4.35
C THR A 236 -23.80 6.01 -3.75
N ARG A 237 -24.44 4.86 -3.58
CA ARG A 237 -23.77 3.67 -3.01
C ARG A 237 -23.91 2.51 -4.03
N LYS A 238 -22.85 1.74 -4.23
CA LYS A 238 -22.91 0.62 -5.12
C LYS A 238 -22.33 -0.65 -4.62
N PRO A 239 -22.74 -1.79 -5.21
CA PRO A 239 -22.13 -3.10 -4.97
C PRO A 239 -20.65 -3.11 -5.32
N VAL A 240 -19.87 -3.93 -4.61
CA VAL A 240 -18.40 -3.90 -4.81
C VAL A 240 -18.03 -4.42 -6.17
N THR A 241 -19.04 -4.76 -6.98
CA THR A 241 -18.76 -5.29 -8.33
C THR A 241 -18.67 -4.15 -9.31
N GLU A 242 -19.03 -2.94 -8.84
CA GLU A 242 -19.06 -1.75 -9.66
C GLU A 242 -17.91 -0.79 -9.44
N ALA A 243 -16.77 -1.29 -8.95
CA ALA A 243 -15.69 -0.38 -8.62
C ALA A 243 -15.30 0.51 -9.81
N GLN A 244 -15.41 0.00 -11.03
CA GLN A 244 -15.06 0.80 -12.21
C GLN A 244 -15.89 2.08 -12.36
N SER A 245 -17.09 2.12 -11.81
CA SER A 245 -17.90 3.36 -11.90
C SER A 245 -18.14 3.96 -10.53
N CYS A 246 -17.38 3.52 -9.51
CA CYS A 246 -17.57 4.06 -8.21
C CYS A 246 -16.25 3.99 -7.38
N HIS A 247 -15.23 4.77 -7.77
CA HIS A 247 -13.96 4.81 -7.06
C HIS A 247 -13.62 6.31 -6.82
N LEU A 248 -12.56 6.54 -6.06
CA LEU A 248 -12.13 7.85 -5.72
C LEU A 248 -11.04 8.25 -6.66
N ALA A 249 -10.26 7.28 -7.10
CA ALA A 249 -9.17 7.57 -8.01
C ALA A 249 -8.56 6.30 -8.56
N VAL A 250 -7.73 6.47 -9.62
CA VAL A 250 -6.94 5.43 -10.12
C VAL A 250 -5.50 5.74 -9.56
N ALA A 251 -4.89 4.77 -8.93
CA ALA A 251 -3.59 5.00 -8.28
C ALA A 251 -2.45 4.27 -9.00
N PRO A 252 -1.24 4.85 -8.96
CA PRO A 252 -0.08 4.18 -9.58
C PRO A 252 0.38 2.97 -8.78
N ASN A 253 0.68 1.88 -9.46
CA ASN A 253 1.09 0.63 -8.81
C ASN A 253 2.29 0.81 -7.85
N HIS A 254 2.29 0.08 -6.75
CA HIS A 254 3.42 0.09 -5.84
C HIS A 254 4.66 -0.23 -6.70
N ALA A 255 5.81 0.27 -6.30
CA ALA A 255 7.02 0.03 -7.08
C ALA A 255 8.31 0.05 -6.21
N VAL A 256 9.33 -0.68 -6.69
CA VAL A 256 10.62 -0.67 -6.08
C VAL A 256 11.39 0.62 -6.33
N VAL A 257 12.02 1.20 -5.29
CA VAL A 257 12.86 2.33 -5.46
C VAL A 257 14.30 1.98 -4.97
N SER A 258 15.28 2.73 -5.46
CA SER A 258 16.64 2.59 -5.01
C SER A 258 17.39 3.86 -5.32
N ARG A 259 18.62 3.96 -4.78
CA ARG A 259 19.50 5.05 -5.25
C ARG A 259 19.76 4.89 -6.71
N SER A 260 19.83 6.03 -7.39
CA SER A 260 20.12 6.02 -8.81
C SER A 260 21.40 5.27 -9.12
N ASP A 261 22.40 5.37 -8.26
CA ASP A 261 23.68 4.68 -8.52
C ASP A 261 23.64 3.17 -8.33
N ARG A 262 22.53 2.63 -7.76
CA ARG A 262 22.40 1.20 -7.54
C ARG A 262 21.26 0.57 -8.40
N ALA A 263 20.48 1.43 -9.07
CA ALA A 263 19.28 1.01 -9.85
C ALA A 263 19.50 -0.14 -10.79
N ALA A 264 20.56 -0.05 -11.59
CA ALA A 264 20.88 -1.07 -12.55
C ALA A 264 21.18 -2.40 -11.92
N HIS A 265 22.00 -2.42 -10.85
CA HIS A 265 22.35 -3.71 -10.20
C HIS A 265 21.09 -4.28 -9.46
N VAL A 266 20.33 -3.37 -8.87
CA VAL A 266 19.06 -3.81 -8.20
C VAL A 266 18.10 -4.45 -9.21
N GLU A 267 17.92 -3.81 -10.33
CA GLU A 267 17.07 -4.35 -11.39
C GLU A 267 17.48 -5.79 -11.85
N GLN A 268 18.76 -5.97 -12.18
CA GLN A 268 19.26 -7.28 -12.64
C GLN A 268 19.10 -8.43 -11.63
N VAL A 269 19.40 -8.17 -10.35
CA VAL A 269 19.24 -9.11 -9.29
C VAL A 269 17.78 -9.49 -9.11
N LEU A 270 16.92 -8.50 -9.02
CA LEU A 270 15.44 -8.76 -8.97
C LEU A 270 14.85 -9.55 -10.11
N LEU A 271 15.22 -9.22 -11.33
CA LEU A 271 14.76 -10.02 -12.49
C LEU A 271 15.14 -11.48 -12.39
N HIS A 272 16.36 -11.75 -11.96
CA HIS A 272 16.75 -13.14 -11.72
C HIS A 272 16.08 -13.75 -10.45
N GLN A 273 15.90 -12.93 -9.41
CA GLN A 273 15.31 -13.49 -8.17
C GLN A 273 13.86 -13.91 -8.44
N GLN A 274 13.11 -13.14 -9.22
CA GLN A 274 11.72 -13.53 -9.50
C GLN A 274 11.61 -14.75 -10.47
N ALA A 275 12.68 -15.01 -11.22
CA ALA A 275 12.70 -16.16 -12.10
C ALA A 275 12.77 -17.41 -11.22
N LEU A 276 13.42 -17.27 -10.07
CA LEU A 276 13.53 -18.34 -9.07
C LEU A 276 12.34 -18.44 -8.11
N PHE A 277 11.81 -17.29 -7.65
CA PHE A 277 10.84 -17.30 -6.56
C PHE A 277 9.52 -16.60 -6.87
N GLY A 278 9.37 -16.07 -8.08
CA GLY A 278 8.13 -15.36 -8.41
C GLY A 278 7.01 -16.31 -8.76
N LYS A 279 5.94 -15.78 -9.32
CA LYS A 279 4.69 -16.53 -9.50
C LYS A 279 4.75 -17.96 -10.07
N ASN A 280 5.48 -18.15 -11.16
CA ASN A 280 5.76 -19.54 -11.60
C ASN A 280 7.25 -19.81 -11.49
N GLY A 281 7.93 -19.13 -10.57
CA GLY A 281 9.36 -19.26 -10.44
C GLY A 281 9.74 -20.72 -10.28
N LYS A 282 11.02 -21.05 -10.56
CA LYS A 282 11.41 -22.45 -10.57
C LYS A 282 11.60 -23.09 -9.20
N ASN A 283 11.60 -22.29 -8.14
CA ASN A 283 11.59 -22.87 -6.79
C ASN A 283 10.41 -22.43 -5.92
N CYS A 284 9.36 -21.89 -6.55
CA CYS A 284 8.12 -21.55 -5.87
C CYS A 284 7.05 -22.39 -6.51
N PRO A 285 6.23 -23.09 -5.71
CA PRO A 285 6.14 -23.09 -4.22
C PRO A 285 7.15 -23.98 -3.48
N ASP A 286 7.95 -24.77 -4.20
CA ASP A 286 8.83 -25.76 -3.53
C ASP A 286 9.63 -25.20 -2.37
N LYS A 287 10.39 -24.12 -2.64
CA LYS A 287 11.34 -23.60 -1.65
C LYS A 287 11.09 -22.22 -1.05
N PHE A 288 10.60 -21.28 -1.86
CA PHE A 288 10.25 -19.97 -1.37
C PHE A 288 9.41 -19.25 -2.43
N CYS A 289 8.38 -18.55 -1.96
CA CYS A 289 7.54 -17.69 -2.80
C CYS A 289 7.64 -16.24 -2.34
N LEU A 290 8.27 -15.41 -3.17
CA LEU A 290 8.51 -14.04 -2.90
C LEU A 290 7.22 -13.20 -2.83
N PHE A 291 6.14 -13.64 -3.53
CA PHE A 291 4.90 -12.86 -3.60
C PHE A 291 3.79 -13.51 -2.78
N LYS A 292 4.17 -14.30 -1.79
CA LYS A 292 3.16 -14.81 -0.83
C LYS A 292 3.56 -14.56 0.62
N SER A 293 2.58 -14.34 1.46
CA SER A 293 2.80 -14.12 2.92
C SER A 293 1.47 -14.25 3.71
N GLU A 294 0.63 -15.15 3.25
CA GLU A 294 -0.70 -15.37 3.87
C GLU A 294 -1.56 -14.13 3.96
N THR A 295 -1.69 -13.46 2.82
CA THR A 295 -2.51 -12.25 2.67
C THR A 295 -2.07 -11.01 3.45
N LYS A 296 -0.90 -11.09 4.08
CA LYS A 296 -0.41 -9.98 4.83
C LYS A 296 0.46 -9.00 4.02
N ASN A 297 0.64 -9.26 2.74
CA ASN A 297 1.31 -8.29 1.85
C ASN A 297 2.67 -7.87 2.36
N LEU A 298 3.53 -8.87 2.66
CA LEU A 298 4.86 -8.57 3.27
C LEU A 298 5.93 -8.46 2.17
N LEU A 299 6.50 -7.26 2.06
CA LEU A 299 7.57 -6.90 1.03
C LEU A 299 6.95 -6.59 -0.30
N PHE A 300 6.01 -7.42 -0.74
CA PHE A 300 5.26 -7.18 -1.99
C PHE A 300 3.80 -7.45 -1.72
N ASN A 301 2.89 -6.92 -2.56
CA ASN A 301 1.48 -7.32 -2.37
C ASN A 301 1.37 -8.77 -2.79
N ASP A 302 0.57 -9.53 -2.06
CA ASP A 302 0.42 -10.98 -2.37
C ASP A 302 -0.25 -11.23 -3.73
N ASN A 303 -0.90 -10.23 -4.29
CA ASN A 303 -1.51 -10.38 -5.64
C ASN A 303 -0.58 -10.04 -6.83
N THR A 304 0.70 -9.80 -6.52
CA THR A 304 1.70 -9.50 -7.55
C THR A 304 1.98 -10.70 -8.44
N GLU A 305 1.92 -10.51 -9.75
CA GLU A 305 2.26 -11.56 -10.68
C GLU A 305 3.76 -11.50 -11.01
N CYS A 306 4.28 -10.28 -11.19
CA CYS A 306 5.71 -10.08 -11.44
C CYS A 306 6.05 -8.61 -11.18
N LEU A 307 7.33 -8.30 -11.10
CA LEU A 307 7.81 -6.94 -11.10
C LEU A 307 8.12 -6.62 -12.60
N ALA A 308 7.55 -5.53 -13.12
CA ALA A 308 7.66 -5.24 -14.58
C ALA A 308 8.62 -4.08 -14.84
N LYS A 309 9.29 -4.16 -15.99
CA LYS A 309 10.19 -3.10 -16.42
C LYS A 309 9.40 -1.88 -16.69
N LEU A 310 10.00 -0.71 -16.44
CA LEU A 310 9.29 0.53 -16.69
C LEU A 310 9.53 1.04 -18.12
N GLY A 311 8.54 1.74 -18.68
CA GLY A 311 8.69 2.41 -19.99
C GLY A 311 9.26 3.81 -19.82
N GLY A 312 10.27 4.16 -20.64
CA GLY A 312 10.81 5.51 -20.68
C GLY A 312 11.71 5.96 -19.52
N ARG A 313 12.37 5.03 -18.84
CA ARG A 313 13.22 5.45 -17.67
C ARG A 313 12.61 6.68 -16.91
N PRO A 314 11.39 6.53 -16.36
CA PRO A 314 10.75 7.66 -15.71
C PRO A 314 11.32 8.19 -14.37
N THR A 315 11.17 9.49 -14.20
CA THR A 315 11.50 10.15 -12.93
C THR A 315 10.35 9.75 -11.98
N TYR A 316 10.55 9.98 -10.69
CA TYR A 316 9.47 9.62 -9.80
C TYR A 316 8.16 10.44 -10.14
N GLU A 317 8.32 11.63 -10.71
CA GLU A 317 7.20 12.49 -11.10
C GLU A 317 6.48 11.93 -12.32
N GLU A 318 7.24 11.37 -13.26
CA GLU A 318 6.68 10.82 -14.42
C GLU A 318 5.98 9.47 -14.09
N TYR A 319 6.58 8.74 -13.17
CA TYR A 319 5.94 7.49 -12.69
C TYR A 319 4.59 7.74 -12.01
N LEU A 320 4.58 8.65 -11.05
CA LEU A 320 3.39 8.94 -10.29
C LEU A 320 2.32 9.71 -11.13
N GLY A 321 2.79 10.50 -12.09
CA GLY A 321 1.89 11.34 -12.85
C GLY A 321 1.71 12.72 -12.25
N THR A 322 1.75 13.71 -13.12
CA THR A 322 1.68 15.11 -12.75
C THR A 322 0.45 15.47 -11.86
N GLU A 323 -0.73 15.01 -12.23
CA GLU A 323 -1.91 15.35 -11.45
C GLU A 323 -1.84 14.77 -10.00
N TYR A 324 -1.43 13.52 -9.85
CA TYR A 324 -1.30 12.94 -8.47
C TYR A 324 -0.26 13.70 -7.69
N VAL A 325 0.87 14.04 -8.34
CA VAL A 325 1.93 14.73 -7.61
C VAL A 325 1.41 16.09 -7.10
N THR A 326 0.71 16.79 -7.97
CA THR A 326 0.09 18.05 -7.58
C THR A 326 -0.96 17.92 -6.46
N ALA A 327 -1.71 16.83 -6.47
CA ALA A 327 -2.73 16.60 -5.37
C ALA A 327 -2.04 16.41 -4.05
N ILE A 328 -0.90 15.70 -4.08
CA ILE A 328 -0.15 15.45 -2.88
C ILE A 328 0.43 16.73 -2.36
N ALA A 329 1.04 17.49 -3.28
CA ALA A 329 1.68 18.76 -2.98
C ALA A 329 0.62 19.67 -2.31
N ASN A 330 -0.55 19.80 -2.96
CA ASN A 330 -1.67 20.61 -2.39
C ASN A 330 -2.12 20.18 -0.98
N LEU A 331 -2.24 18.86 -0.78
CA LEU A 331 -2.65 18.36 0.50
C LEU A 331 -1.59 18.68 1.54
N LYS A 332 -0.32 18.61 1.16
CA LYS A 332 0.74 18.89 2.15
C LYS A 332 0.87 20.39 2.54
N LYS A 333 0.15 21.29 1.88
CA LYS A 333 0.07 22.68 2.32
C LYS A 333 -0.54 22.75 3.70
N CYS A 334 -1.42 21.81 4.01
CA CYS A 334 -2.13 21.73 5.29
C CYS A 334 -1.32 21.43 6.53
N SER A 335 -0.21 20.72 6.43
CA SER A 335 0.53 20.40 7.64
C SER A 335 2.00 20.41 7.42
N LEU B 1 7.65 24.69 -2.42
CA LEU B 1 6.95 23.49 -2.89
C LEU B 1 7.87 22.26 -3.21
N GLU B 2 9.05 22.20 -2.58
CA GLU B 2 10.05 21.17 -2.92
C GLU B 2 11.23 21.11 -1.96
N ALA B 3 11.46 19.92 -1.40
CA ALA B 3 12.59 19.64 -0.50
C ALA B 3 12.45 18.25 0.13
N CYS B 4 13.57 17.54 0.27
CA CYS B 4 13.57 16.24 0.90
C CYS B 4 13.28 16.45 2.39
N ALA B 5 12.21 15.77 2.87
CA ALA B 5 11.75 15.86 4.26
C ALA B 5 12.76 15.36 5.32
N PHE B 6 13.96 14.95 4.91
CA PHE B 6 14.99 14.48 5.84
C PHE B 6 16.30 15.31 5.72
#